data_5L6P
#
_entry.id   5L6P
#
_cell.length_a   47.240
_cell.length_b   56.950
_cell.length_c   126.750
_cell.angle_alpha   90.000
_cell.angle_beta   90.000
_cell.angle_gamma   90.000
#
_symmetry.space_group_name_H-M   'P 21 21 21'
#
loop_
_entity.id
_entity.type
_entity.pdbx_description
1 polymer 'Ephrin type-B receptor 3'
2 non-polymer ~{N}-(4-phenylazanylquinazolin-7-yl)ethanamide
3 non-polymer '1,4-DIETHYLENE DIOXIDE'
4 water water
#
_entity_poly.entity_id   1
_entity_poly.type   'polypeptide(L)'
_entity_poly.pdbx_seq_one_letter_code
;GSSDPNEAVREFAKEIDVSCVKIEEVIGAGEFGEVCRGRLKQPGRREVFVAIKTLKVGYTERQRRDFLSEASIMGQFDHP
NIIRLEGVVTKSRPVMILTEFMENCALDSFLRLNDGQFTVIQLVGMLRGIAAGMKYLSEMNYVHRDLAARNILVNSNLVC
KVSDFGLSRFLEDDPSDPTYTSSLGGKIPIRWTAPEAIAYRKFTSASDVWSYGIVMWEVMSYGERPYWDMSNQDVINAVE
QDYRLPPPMDCPTALHQLMLDCWVRDRNLRPKFSQIVNTLDKLIRNPASLKVIASAQS
;
_entity_poly.pdbx_strand_id   A
#
loop_
_chem_comp.id
_chem_comp.type
_chem_comp.name
_chem_comp.formula
6P8 non-polymer ~{N}-(4-phenylazanylquinazolin-7-yl)ethanamide 'C16 H14 N4 O'
DIO non-polymer '1,4-DIETHYLENE DIOXIDE' 'C4 H8 O2'
#
# COMPACT_ATOMS: atom_id res chain seq x y z
N CYS A 20 -13.19 -2.29 -27.56
CA CYS A 20 -11.97 -2.40 -26.78
C CYS A 20 -12.21 -2.85 -25.34
N VAL A 21 -13.08 -2.13 -24.60
CA VAL A 21 -13.39 -2.41 -23.19
C VAL A 21 -14.85 -2.78 -22.97
N LYS A 22 -15.07 -3.80 -22.12
CA LYS A 22 -16.38 -4.31 -21.71
C LYS A 22 -16.37 -4.63 -20.21
N ILE A 23 -17.29 -4.01 -19.44
CA ILE A 23 -17.43 -4.19 -17.99
C ILE A 23 -18.12 -5.52 -17.69
N GLU A 24 -17.56 -6.28 -16.73
CA GLU A 24 -18.05 -7.60 -16.31
C GLU A 24 -18.89 -7.50 -15.04
N GLU A 25 -18.31 -6.97 -13.94
CA GLU A 25 -18.99 -6.85 -12.64
C GLU A 25 -18.48 -5.68 -11.80
N VAL A 26 -19.41 -4.93 -11.15
CA VAL A 26 -19.10 -3.81 -10.26
C VAL A 26 -18.56 -4.43 -8.97
N ILE A 27 -17.28 -4.17 -8.65
CA ILE A 27 -16.61 -4.73 -7.47
C ILE A 27 -16.65 -3.79 -6.25
N GLY A 28 -16.88 -2.50 -6.50
CA GLY A 28 -16.95 -1.50 -5.42
C GLY A 28 -17.14 -0.08 -5.88
N ALA A 29 -16.91 0.88 -4.98
CA ALA A 29 -17.05 2.32 -5.25
C ALA A 29 -15.78 3.11 -4.98
N GLY A 30 -15.58 4.17 -5.76
CA GLY A 30 -14.48 5.12 -5.65
C GLY A 30 -15.00 6.50 -5.27
N GLU A 31 -14.07 7.45 -4.98
CA GLU A 31 -14.48 8.81 -4.58
C GLU A 31 -15.06 9.66 -5.72
N PHE A 32 -14.85 9.25 -6.99
CA PHE A 32 -15.36 9.96 -8.17
C PHE A 32 -16.42 9.18 -8.97
N GLY A 33 -16.73 7.97 -8.49
CA GLY A 33 -17.72 7.11 -9.13
C GLY A 33 -17.59 5.66 -8.73
N GLU A 34 -17.68 4.75 -9.72
CA GLU A 34 -17.61 3.30 -9.51
C GLU A 34 -16.28 2.67 -9.94
N VAL A 35 -15.96 1.50 -9.36
CA VAL A 35 -14.77 0.69 -9.65
C VAL A 35 -15.31 -0.70 -10.01
N CYS A 36 -14.97 -1.20 -11.22
CA CYS A 36 -15.48 -2.48 -11.73
C CYS A 36 -14.45 -3.34 -12.45
N ARG A 37 -14.69 -4.67 -12.46
CA ARG A 37 -13.86 -5.66 -13.14
C ARG A 37 -14.39 -5.78 -14.58
N GLY A 38 -13.47 -5.86 -15.54
CA GLY A 38 -13.82 -5.97 -16.96
C GLY A 38 -12.76 -6.65 -17.80
N ARG A 39 -12.87 -6.51 -19.13
CA ARG A 39 -11.93 -7.10 -20.09
C ARG A 39 -11.45 -6.04 -21.09
N LEU A 40 -10.17 -6.12 -21.49
CA LEU A 40 -9.57 -5.21 -22.47
C LEU A 40 -9.01 -5.97 -23.66
N LYS A 41 -9.41 -5.54 -24.88
CA LYS A 41 -8.95 -6.13 -26.14
C LYS A 41 -8.03 -5.15 -26.88
N GLN A 42 -6.72 -5.26 -26.62
CA GLN A 42 -5.69 -4.44 -27.24
C GLN A 42 -5.51 -4.85 -28.73
N PRO A 43 -5.27 -3.90 -29.67
CA PRO A 43 -5.10 -4.29 -31.08
C PRO A 43 -3.79 -5.03 -31.32
N GLY A 44 -3.89 -6.36 -31.49
CA GLY A 44 -2.75 -7.23 -31.71
C GLY A 44 -2.45 -8.17 -30.56
N ARG A 45 -2.63 -7.69 -29.31
CA ARG A 45 -2.37 -8.46 -28.08
C ARG A 45 -3.60 -9.22 -27.55
N ARG A 46 -3.35 -10.27 -26.72
CA ARG A 46 -4.35 -11.13 -26.09
C ARG A 46 -5.27 -10.36 -25.13
N GLU A 47 -6.50 -10.86 -24.91
CA GLU A 47 -7.47 -10.25 -24.01
C GLU A 47 -7.10 -10.55 -22.55
N VAL A 48 -7.06 -9.51 -21.72
CA VAL A 48 -6.72 -9.58 -20.30
C VAL A 48 -7.83 -9.03 -19.41
N PHE A 49 -7.84 -9.43 -18.12
CA PHE A 49 -8.80 -8.91 -17.15
C PHE A 49 -8.25 -7.60 -16.63
N VAL A 50 -9.09 -6.55 -16.60
CA VAL A 50 -8.72 -5.21 -16.16
C VAL A 50 -9.67 -4.65 -15.09
N ALA A 51 -9.21 -3.61 -14.36
CA ALA A 51 -9.95 -2.86 -13.36
C ALA A 51 -10.27 -1.52 -14.01
N ILE A 52 -11.56 -1.17 -14.05
CA ILE A 52 -12.08 0.04 -14.69
C ILE A 52 -12.71 1.00 -13.66
N LYS A 53 -12.26 2.26 -13.66
CA LYS A 53 -12.78 3.34 -12.81
C LYS A 53 -13.68 4.23 -13.68
N THR A 54 -14.91 4.53 -13.23
CA THR A 54 -15.84 5.37 -14.00
C THR A 54 -16.18 6.68 -13.29
N LEU A 55 -16.34 7.78 -14.07
CA LEU A 55 -16.70 9.09 -13.53
C LEU A 55 -18.22 9.22 -13.45
N LYS A 56 -18.73 9.52 -12.24
CA LYS A 56 -20.15 9.67 -11.91
C LYS A 56 -20.89 10.63 -12.84
N VAL A 57 -22.18 10.32 -13.12
CA VAL A 57 -23.05 11.15 -13.96
C VAL A 57 -23.38 12.41 -13.16
N GLY A 58 -23.18 13.57 -13.79
CA GLY A 58 -23.41 14.87 -13.16
C GLY A 58 -22.24 15.28 -12.30
N TYR A 59 -21.03 15.29 -12.91
CA TYR A 59 -19.76 15.65 -12.29
C TYR A 59 -19.47 17.14 -12.49
N THR A 60 -18.69 17.73 -11.56
CA THR A 60 -18.31 19.15 -11.62
C THR A 60 -16.99 19.34 -12.41
N GLU A 61 -16.60 20.61 -12.68
CA GLU A 61 -15.36 20.96 -13.38
C GLU A 61 -14.13 20.51 -12.59
N ARG A 62 -14.17 20.66 -11.25
CA ARG A 62 -13.09 20.27 -10.34
C ARG A 62 -12.95 18.75 -10.25
N GLN A 63 -14.09 18.01 -10.16
CA GLN A 63 -14.15 16.55 -10.08
C GLN A 63 -13.55 15.85 -11.30
N ARG A 64 -13.76 16.41 -12.52
CA ARG A 64 -13.21 15.86 -13.75
C ARG A 64 -11.68 16.07 -13.81
N ARG A 65 -11.20 17.24 -13.31
CA ARG A 65 -9.79 17.59 -13.24
C ARG A 65 -9.07 16.68 -12.23
N ASP A 66 -9.67 16.49 -11.05
CA ASP A 66 -9.12 15.67 -9.95
C ASP A 66 -9.06 14.18 -10.27
N PHE A 67 -10.11 13.64 -10.92
CA PHE A 67 -10.18 12.24 -11.35
C PHE A 67 -9.07 11.94 -12.36
N LEU A 68 -8.91 12.83 -13.38
CA LEU A 68 -7.90 12.68 -14.42
C LEU A 68 -6.47 12.95 -13.95
N SER A 69 -6.25 13.87 -12.99
CA SER A 69 -4.90 14.17 -12.48
C SER A 69 -4.30 12.96 -11.76
N GLU A 70 -5.17 12.12 -11.12
CA GLU A 70 -4.80 10.89 -10.44
C GLU A 70 -4.31 9.84 -11.45
N ALA A 71 -4.81 9.91 -12.69
CA ALA A 71 -4.39 9.03 -13.79
C ALA A 71 -3.00 9.47 -14.29
N SER A 72 -2.73 10.79 -14.29
CA SER A 72 -1.45 11.39 -14.71
C SER A 72 -0.31 11.02 -13.76
N ILE A 73 -0.61 10.91 -12.44
CA ILE A 73 0.34 10.52 -11.39
C ILE A 73 0.72 9.04 -11.58
N MET A 74 -0.27 8.14 -11.70
CA MET A 74 -0.10 6.70 -11.96
C MET A 74 0.58 6.43 -13.31
N GLY A 75 0.24 7.23 -14.33
CA GLY A 75 0.79 7.12 -15.68
C GLY A 75 2.26 7.46 -15.83
N GLN A 76 2.84 8.08 -14.80
CA GLN A 76 4.26 8.46 -14.76
C GLN A 76 5.19 7.31 -14.34
N PHE A 77 4.61 6.23 -13.79
CA PHE A 77 5.40 5.11 -13.29
C PHE A 77 5.37 3.78 -14.03
N ASP A 78 6.54 3.21 -14.27
CA ASP A 78 6.65 1.92 -14.92
C ASP A 78 7.62 1.06 -14.10
N HIS A 79 7.09 0.14 -13.32
CA HIS A 79 7.89 -0.75 -12.48
C HIS A 79 7.07 -2.00 -12.20
N PRO A 80 7.71 -3.16 -12.04
CA PRO A 80 6.94 -4.38 -11.74
C PRO A 80 6.17 -4.43 -10.42
N ASN A 81 6.52 -3.58 -9.42
CA ASN A 81 5.82 -3.57 -8.14
C ASN A 81 5.00 -2.30 -7.90
N ILE A 82 4.58 -1.65 -8.99
CA ILE A 82 3.74 -0.45 -8.98
C ILE A 82 2.63 -0.72 -9.98
N ILE A 83 1.36 -0.55 -9.53
CA ILE A 83 0.14 -0.75 -10.33
C ILE A 83 0.26 -0.02 -11.68
N ARG A 84 0.10 -0.77 -12.76
CA ARG A 84 0.26 -0.27 -14.12
C ARG A 84 -1.02 0.32 -14.67
N LEU A 85 -0.91 1.52 -15.27
CA LEU A 85 -2.03 2.17 -15.94
C LEU A 85 -1.99 1.69 -17.40
N GLU A 86 -3.04 0.96 -17.82
CA GLU A 86 -3.15 0.45 -19.19
C GLU A 86 -3.47 1.61 -20.13
N GLY A 87 -4.56 2.32 -19.83
CA GLY A 87 -5.01 3.47 -20.62
C GLY A 87 -6.11 4.29 -19.97
N VAL A 88 -6.38 5.48 -20.53
CA VAL A 88 -7.40 6.42 -20.06
C VAL A 88 -8.35 6.78 -21.22
N VAL A 89 -9.68 6.60 -21.01
CA VAL A 89 -10.72 6.94 -21.97
C VAL A 89 -11.12 8.39 -21.70
N THR A 90 -11.07 9.26 -22.74
CA THR A 90 -11.39 10.69 -22.60
C THR A 90 -12.38 11.18 -23.67
N LYS A 91 -12.48 10.47 -24.80
CA LYS A 91 -13.35 10.80 -25.93
C LYS A 91 -14.85 10.62 -25.62
N SER A 92 -15.21 9.51 -24.94
CA SER A 92 -16.60 9.20 -24.58
C SER A 92 -16.92 9.54 -23.12
N ARG A 93 -18.18 9.93 -22.86
CA ARG A 93 -18.68 10.27 -21.53
C ARG A 93 -19.64 9.17 -21.06
N PRO A 94 -19.46 8.54 -19.86
CA PRO A 94 -18.44 8.79 -18.81
C PRO A 94 -17.01 8.35 -19.13
N VAL A 95 -16.02 9.11 -18.62
CA VAL A 95 -14.59 8.86 -18.82
C VAL A 95 -14.10 7.72 -17.89
N MET A 96 -13.11 6.93 -18.36
CA MET A 96 -12.58 5.77 -17.65
C MET A 96 -11.06 5.74 -17.45
N ILE A 97 -10.62 5.15 -16.34
CA ILE A 97 -9.23 4.90 -15.97
C ILE A 97 -9.11 3.37 -15.97
N LEU A 98 -8.23 2.83 -16.85
CA LEU A 98 -8.07 1.37 -16.99
C LEU A 98 -6.71 0.91 -16.50
N THR A 99 -6.70 0.00 -15.52
CA THR A 99 -5.50 -0.58 -14.90
C THR A 99 -5.61 -2.11 -14.89
N GLU A 100 -4.45 -2.82 -14.79
CA GLU A 100 -4.34 -4.29 -14.74
C GLU A 100 -5.09 -4.87 -13.54
N PHE A 101 -5.77 -6.03 -13.70
CA PHE A 101 -6.54 -6.65 -12.60
C PHE A 101 -5.66 -7.42 -11.61
N MET A 102 -5.94 -7.23 -10.32
CA MET A 102 -5.22 -7.85 -9.21
C MET A 102 -6.12 -8.84 -8.47
N GLU A 103 -6.18 -10.06 -9.03
CA GLU A 103 -6.98 -11.22 -8.65
C GLU A 103 -7.10 -11.47 -7.13
N ASN A 104 -5.98 -11.39 -6.37
CA ASN A 104 -6.00 -11.65 -4.93
C ASN A 104 -6.37 -10.44 -4.05
N CYS A 105 -6.80 -9.32 -4.70
CA CYS A 105 -7.29 -8.07 -4.11
C CYS A 105 -6.28 -7.40 -3.12
N ALA A 106 -6.76 -6.63 -2.12
CA ALA A 106 -5.94 -5.93 -1.12
C ALA A 106 -5.17 -6.90 -0.20
N LEU A 107 -3.86 -6.62 0.03
CA LEU A 107 -2.93 -7.44 0.82
C LEU A 107 -3.42 -7.75 2.26
N ASP A 108 -4.05 -6.76 2.93
CA ASP A 108 -4.56 -6.91 4.30
C ASP A 108 -5.64 -7.99 4.40
N SER A 109 -6.68 -7.92 3.55
CA SER A 109 -7.77 -8.91 3.54
C SER A 109 -7.24 -10.26 3.09
N PHE A 110 -6.36 -10.28 2.06
CA PHE A 110 -5.72 -11.47 1.51
C PHE A 110 -4.92 -12.24 2.57
N LEU A 111 -4.21 -11.54 3.44
CA LEU A 111 -3.44 -12.20 4.49
C LEU A 111 -4.34 -12.72 5.61
N ARG A 112 -5.41 -11.97 5.93
CA ARG A 112 -6.41 -12.34 6.93
C ARG A 112 -7.15 -13.64 6.58
N LEU A 113 -7.37 -13.92 5.26
CA LEU A 113 -8.06 -15.11 4.70
C LEU A 113 -7.10 -16.33 4.55
N ASN A 114 -5.81 -16.04 4.36
CA ASN A 114 -4.75 -17.04 4.17
C ASN A 114 -3.79 -17.06 5.35
N ASP A 115 -4.32 -17.08 6.58
CA ASP A 115 -3.50 -17.07 7.81
C ASP A 115 -2.66 -18.35 7.96
N GLY A 116 -1.35 -18.16 8.08
CA GLY A 116 -0.34 -19.21 8.22
C GLY A 116 -0.17 -20.13 7.03
N GLN A 117 -0.59 -19.69 5.82
CA GLN A 117 -0.53 -20.52 4.61
C GLN A 117 0.74 -20.34 3.76
N PHE A 118 1.63 -19.39 4.13
CA PHE A 118 2.87 -19.14 3.40
C PHE A 118 4.11 -19.38 4.26
N THR A 119 5.22 -19.78 3.61
CA THR A 119 6.52 -19.92 4.27
C THR A 119 7.08 -18.49 4.45
N VAL A 120 8.12 -18.34 5.28
CA VAL A 120 8.82 -17.08 5.56
C VAL A 120 9.43 -16.52 4.27
N ILE A 121 10.02 -17.37 3.41
CA ILE A 121 10.63 -16.99 2.13
C ILE A 121 9.63 -16.24 1.24
N GLN A 122 8.40 -16.75 1.14
CA GLN A 122 7.31 -16.16 0.37
C GLN A 122 6.91 -14.79 0.91
N LEU A 123 6.90 -14.60 2.26
CA LEU A 123 6.54 -13.32 2.90
C LEU A 123 7.63 -12.28 2.68
N VAL A 124 8.90 -12.69 2.81
CA VAL A 124 10.09 -11.84 2.56
C VAL A 124 10.07 -11.40 1.06
N GLY A 125 9.65 -12.31 0.18
CA GLY A 125 9.50 -12.05 -1.24
C GLY A 125 8.46 -10.98 -1.53
N MET A 126 7.31 -11.02 -0.79
CA MET A 126 6.22 -10.04 -0.91
C MET A 126 6.74 -8.68 -0.45
N LEU A 127 7.46 -8.63 0.70
CA LEU A 127 8.07 -7.45 1.28
C LEU A 127 9.17 -6.83 0.40
N ARG A 128 9.95 -7.67 -0.31
CA ARG A 128 11.04 -7.23 -1.20
C ARG A 128 10.47 -6.43 -2.39
N GLY A 129 9.35 -6.90 -2.93
CA GLY A 129 8.62 -6.26 -4.01
C GLY A 129 8.09 -4.88 -3.63
N ILE A 130 7.40 -4.77 -2.48
CA ILE A 130 6.89 -3.50 -1.94
C ILE A 130 8.06 -2.52 -1.77
N ALA A 131 9.17 -2.99 -1.15
CA ALA A 131 10.40 -2.20 -0.97
C ALA A 131 11.01 -1.78 -2.31
N ALA A 132 10.98 -2.67 -3.34
CA ALA A 132 11.49 -2.34 -4.68
C ALA A 132 10.64 -1.24 -5.34
N GLY A 133 9.31 -1.34 -5.17
CA GLY A 133 8.33 -0.38 -5.68
C GLY A 133 8.45 0.97 -4.99
N MET A 134 8.66 0.96 -3.66
CA MET A 134 8.85 2.18 -2.87
C MET A 134 10.19 2.86 -3.17
N LYS A 135 11.22 2.07 -3.56
CA LYS A 135 12.54 2.59 -3.92
C LYS A 135 12.44 3.38 -5.23
N TYR A 136 11.64 2.87 -6.18
CA TYR A 136 11.39 3.51 -7.46
C TYR A 136 10.72 4.87 -7.22
N LEU A 137 9.72 4.92 -6.32
CA LEU A 137 8.98 6.14 -5.96
C LEU A 137 9.89 7.16 -5.28
N SER A 138 10.73 6.72 -4.32
CA SER A 138 11.70 7.56 -3.61
C SER A 138 12.70 8.24 -4.57
N GLU A 139 13.21 7.50 -5.61
CA GLU A 139 14.13 7.98 -6.66
C GLU A 139 13.58 9.26 -7.32
N MET A 140 12.27 9.24 -7.66
CA MET A 140 11.52 10.31 -8.31
C MET A 140 11.00 11.37 -7.34
N ASN A 141 11.46 11.33 -6.07
CA ASN A 141 11.03 12.26 -4.99
C ASN A 141 9.49 12.25 -4.82
N TYR A 142 8.89 11.05 -4.90
CA TYR A 142 7.47 10.89 -4.71
C TYR A 142 7.20 10.35 -3.31
N VAL A 143 6.43 11.09 -2.52
CA VAL A 143 6.08 10.65 -1.18
C VAL A 143 4.64 10.15 -1.23
N HIS A 144 4.45 8.88 -0.93
CA HIS A 144 3.13 8.27 -0.95
C HIS A 144 2.13 8.79 0.10
N ARG A 145 2.56 8.87 1.35
CA ARG A 145 1.76 9.38 2.47
C ARG A 145 0.69 8.44 3.05
N ASP A 146 0.51 7.27 2.43
CA ASP A 146 -0.50 6.31 2.85
C ASP A 146 -0.09 4.84 2.58
N LEU A 147 1.15 4.50 2.91
CA LEU A 147 1.67 3.14 2.72
C LEU A 147 1.16 2.24 3.83
N ALA A 148 0.30 1.31 3.46
CA ALA A 148 -0.38 0.37 4.35
C ALA A 148 -0.80 -0.84 3.51
N ALA A 149 -0.93 -2.04 4.12
CA ALA A 149 -1.34 -3.25 3.37
C ALA A 149 -2.67 -3.09 2.60
N ARG A 150 -3.55 -2.17 3.06
CA ARG A 150 -4.83 -1.86 2.42
C ARG A 150 -4.67 -1.18 1.05
N ASN A 151 -3.48 -0.58 0.79
CA ASN A 151 -3.09 0.10 -0.44
C ASN A 151 -2.04 -0.70 -1.21
N ILE A 152 -1.99 -2.00 -0.94
CA ILE A 152 -1.10 -2.94 -1.64
C ILE A 152 -2.03 -3.95 -2.31
N LEU A 153 -1.91 -4.10 -3.63
CA LEU A 153 -2.71 -5.05 -4.38
C LEU A 153 -1.86 -6.31 -4.76
N VAL A 154 -2.50 -7.49 -4.74
CA VAL A 154 -1.83 -8.77 -5.00
C VAL A 154 -2.46 -9.46 -6.21
N ASN A 155 -1.63 -9.99 -7.12
CA ASN A 155 -2.09 -10.70 -8.30
C ASN A 155 -2.06 -12.23 -8.07
N SER A 156 -2.40 -13.03 -9.12
CA SER A 156 -2.43 -14.50 -9.10
C SER A 156 -1.08 -15.17 -8.78
N ASN A 157 0.05 -14.51 -9.12
CA ASN A 157 1.41 -14.98 -8.88
C ASN A 157 2.01 -14.45 -7.57
N LEU A 158 1.15 -13.87 -6.70
CA LEU A 158 1.44 -13.31 -5.36
C LEU A 158 2.42 -12.12 -5.39
N VAL A 159 2.55 -11.46 -6.58
CA VAL A 159 3.37 -10.27 -6.77
C VAL A 159 2.59 -9.08 -6.15
N CYS A 160 3.20 -8.39 -5.20
CA CYS A 160 2.64 -7.24 -4.49
C CYS A 160 2.96 -5.93 -5.17
N LYS A 161 1.93 -5.08 -5.33
CA LYS A 161 2.10 -3.80 -6.01
C LYS A 161 1.58 -2.62 -5.19
N VAL A 162 2.41 -1.57 -5.06
CA VAL A 162 2.04 -0.35 -4.36
C VAL A 162 0.94 0.35 -5.17
N SER A 163 -0.21 0.58 -4.52
CA SER A 163 -1.40 1.19 -5.11
C SER A 163 -1.80 2.45 -4.35
N ASP A 164 -2.79 3.17 -4.90
CA ASP A 164 -3.44 4.39 -4.40
C ASP A 164 -4.55 4.78 -5.38
N PHE A 165 -5.52 5.59 -4.91
CA PHE A 165 -6.69 6.10 -5.66
C PHE A 165 -7.60 4.94 -6.18
N GLY A 166 -7.75 3.93 -5.32
CA GLY A 166 -8.56 2.76 -5.56
C GLY A 166 -9.92 2.84 -4.88
N LEU A 167 -10.37 1.74 -4.29
CA LEU A 167 -11.68 1.70 -3.63
C LEU A 167 -11.82 2.61 -2.41
N SER A 168 -12.98 3.25 -2.30
CA SER A 168 -13.33 4.13 -1.18
C SER A 168 -13.44 3.36 0.12
N ARG A 169 -14.07 2.20 0.05
CA ARG A 169 -14.20 1.26 1.17
C ARG A 169 -12.87 0.59 1.53
N PHE A 170 -12.69 0.29 2.82
CA PHE A 170 -11.51 -0.35 3.40
C PHE A 170 -11.93 -1.04 4.69
N LEU A 171 -11.03 -1.82 5.30
CA LEU A 171 -11.31 -2.54 6.55
C LEU A 171 -11.33 -1.59 7.74
N GLU A 172 -12.48 -1.58 8.47
CA GLU A 172 -12.65 -0.74 9.66
C GLU A 172 -12.91 -1.59 10.90
N ASP A 173 -11.83 -1.97 11.62
CA ASP A 173 -11.93 -2.79 12.84
C ASP A 173 -12.73 -2.09 13.96
N ASP A 174 -12.54 -0.77 14.17
CA ASP A 174 -13.31 -0.01 15.18
C ASP A 174 -13.53 1.47 14.75
N PRO A 175 -14.76 1.84 14.31
CA PRO A 175 -15.02 3.26 13.92
C PRO A 175 -14.68 4.32 14.98
N SER A 176 -14.58 3.91 16.24
CA SER A 176 -14.23 4.76 17.37
C SER A 176 -12.74 5.17 17.34
N ASP A 177 -11.91 4.35 16.70
CA ASP A 177 -10.48 4.59 16.51
C ASP A 177 -10.32 4.38 15.02
N PRO A 178 -10.85 5.30 14.23
CA PRO A 178 -10.80 5.16 12.77
C PRO A 178 -9.42 5.17 12.15
N THR A 179 -9.31 4.53 11.00
CA THR A 179 -8.07 4.42 10.27
C THR A 179 -7.52 5.79 9.92
N TYR A 180 -8.42 6.69 9.51
CA TYR A 180 -8.06 8.04 9.12
C TYR A 180 -8.69 9.12 10.01
N THR A 181 -7.90 10.14 10.33
CA THR A 181 -8.34 11.28 11.11
C THR A 181 -8.15 12.49 10.20
N SER A 182 -9.21 13.31 10.02
CA SER A 182 -9.20 14.52 9.17
C SER A 182 -8.18 15.55 9.68
N SER A 183 -7.44 16.15 8.75
CA SER A 183 -6.40 17.13 9.02
C SER A 183 -6.56 18.22 7.99
N LEU A 184 -6.06 19.42 8.28
CA LEU A 184 -6.25 20.52 7.34
C LEU A 184 -5.69 20.20 5.97
N GLY A 185 -4.48 19.69 5.91
CA GLY A 185 -3.92 19.33 4.62
C GLY A 185 -4.60 18.11 3.99
N GLY A 186 -4.76 17.06 4.80
CA GLY A 186 -5.34 15.82 4.34
C GLY A 186 -5.64 14.82 5.45
N LYS A 187 -6.30 13.72 5.11
CA LYS A 187 -6.62 12.66 6.04
C LYS A 187 -5.32 12.02 6.50
N ILE A 188 -5.24 11.60 7.76
CA ILE A 188 -4.01 11.00 8.27
C ILE A 188 -4.29 9.64 8.94
N PRO A 189 -3.64 8.53 8.48
CA PRO A 189 -3.79 7.24 9.18
C PRO A 189 -2.81 7.15 10.36
N ILE A 190 -3.25 7.55 11.56
CA ILE A 190 -2.40 7.58 12.76
C ILE A 190 -1.44 6.34 12.89
N ARG A 191 -1.97 5.09 12.91
CA ARG A 191 -1.19 3.87 13.13
C ARG A 191 -0.07 3.58 12.11
N TRP A 192 -0.12 4.19 10.91
CA TRP A 192 0.82 3.99 9.83
C TRP A 192 1.81 5.16 9.62
N THR A 193 1.52 6.35 10.21
CA THR A 193 2.26 7.60 10.04
C THR A 193 3.34 7.84 11.13
N ALA A 194 4.52 8.35 10.67
CA ALA A 194 5.67 8.68 11.50
C ALA A 194 5.33 9.82 12.44
N PRO A 195 5.81 9.78 13.71
CA PRO A 195 5.41 10.81 14.68
C PRO A 195 5.70 12.25 14.28
N GLU A 196 6.76 12.50 13.47
CA GLU A 196 7.06 13.86 13.02
C GLU A 196 6.09 14.29 11.89
N ALA A 197 5.60 13.31 11.15
CA ALA A 197 4.61 13.56 10.11
C ALA A 197 3.28 13.92 10.75
N ILE A 198 2.93 13.25 11.85
CA ILE A 198 1.69 13.54 12.55
C ILE A 198 1.74 14.91 13.22
N ALA A 199 2.84 15.14 13.93
CA ALA A 199 3.08 16.38 14.66
C ALA A 199 3.34 17.63 13.87
N TYR A 200 4.10 17.50 12.80
CA TYR A 200 4.49 18.68 12.01
C TYR A 200 4.22 18.57 10.51
N ARG A 201 3.44 17.55 10.07
CA ARG A 201 3.16 17.29 8.65
C ARG A 201 4.45 17.13 7.80
N LYS A 202 5.52 16.58 8.43
CA LYS A 202 6.82 16.34 7.78
C LYS A 202 6.78 14.99 7.07
N PHE A 203 6.17 14.99 5.86
CA PHE A 203 6.00 13.83 4.99
C PHE A 203 7.15 13.79 4.02
N THR A 204 8.02 12.78 4.16
CA THR A 204 9.19 12.57 3.30
C THR A 204 9.24 11.09 2.96
N SER A 205 10.31 10.67 2.22
CA SER A 205 10.54 9.25 1.94
C SER A 205 10.91 8.53 3.26
N ALA A 206 11.49 9.27 4.26
CA ALA A 206 11.80 8.75 5.59
C ALA A 206 10.50 8.48 6.40
N SER A 207 9.42 9.26 6.20
CA SER A 207 8.16 8.96 6.92
C SER A 207 7.43 7.78 6.27
N ASP A 208 7.67 7.52 4.95
CA ASP A 208 7.15 6.35 4.21
C ASP A 208 7.90 5.08 4.70
N VAL A 209 9.14 5.26 5.11
CA VAL A 209 9.95 4.17 5.64
C VAL A 209 9.33 3.67 6.95
N TRP A 210 8.83 4.60 7.76
CA TRP A 210 8.17 4.26 9.02
C TRP A 210 6.91 3.45 8.71
N SER A 211 6.19 3.89 7.67
CA SER A 211 4.98 3.22 7.22
C SER A 211 5.27 1.81 6.72
N TYR A 212 6.37 1.67 5.99
CA TYR A 212 6.84 0.39 5.47
C TYR A 212 7.08 -0.59 6.61
N GLY A 213 7.63 -0.10 7.71
CA GLY A 213 7.91 -0.92 8.86
C GLY A 213 6.62 -1.49 9.41
N ILE A 214 5.58 -0.65 9.39
CA ILE A 214 4.26 -1.05 9.83
C ILE A 214 3.72 -2.12 8.88
N VAL A 215 3.94 -1.95 7.59
CA VAL A 215 3.51 -2.91 6.59
C VAL A 215 4.20 -4.27 6.84
N MET A 216 5.49 -4.22 7.13
CA MET A 216 6.27 -5.44 7.43
C MET A 216 5.61 -6.25 8.54
N TRP A 217 5.18 -5.54 9.59
CA TRP A 217 4.52 -6.12 10.76
C TRP A 217 3.15 -6.65 10.36
N GLU A 218 2.45 -5.96 9.42
CA GLU A 218 1.14 -6.44 8.93
C GLU A 218 1.29 -7.78 8.20
N VAL A 219 2.37 -7.89 7.40
CA VAL A 219 2.68 -9.08 6.60
C VAL A 219 3.12 -10.25 7.49
N MET A 220 3.91 -9.98 8.55
CA MET A 220 4.43 -11.04 9.42
C MET A 220 3.40 -11.56 10.44
N SER A 221 2.30 -10.80 10.65
CA SER A 221 1.24 -11.11 11.61
C SER A 221 -0.02 -11.65 10.91
N TYR A 222 0.02 -11.69 9.54
CA TYR A 222 -1.05 -12.09 8.64
C TYR A 222 -2.30 -11.19 8.76
N GLY A 223 -2.08 -9.88 8.74
CA GLY A 223 -3.15 -8.90 8.76
C GLY A 223 -3.75 -8.53 10.10
N GLU A 224 -2.95 -8.52 11.18
CA GLU A 224 -3.46 -8.08 12.48
C GLU A 224 -3.51 -6.53 12.52
N ARG A 225 -4.31 -5.98 13.44
CA ARG A 225 -4.44 -4.53 13.60
C ARG A 225 -3.21 -3.97 14.34
N PRO A 226 -2.42 -3.05 13.72
CA PRO A 226 -1.30 -2.43 14.46
C PRO A 226 -1.79 -1.78 15.75
N TYR A 227 -1.15 -2.14 16.86
CA TYR A 227 -1.41 -1.59 18.18
C TYR A 227 -2.68 -2.09 18.89
N TRP A 228 -3.41 -2.98 18.23
CA TRP A 228 -4.60 -3.61 18.81
C TRP A 228 -5.69 -2.68 19.40
N ASP A 229 -5.99 -2.94 20.66
CA ASP A 229 -7.00 -2.26 21.47
C ASP A 229 -6.73 -0.79 21.74
N MET A 230 -5.46 -0.39 21.71
CA MET A 230 -5.05 0.97 21.98
C MET A 230 -5.73 1.97 21.07
N SER A 231 -6.10 3.09 21.65
CA SER A 231 -6.73 4.18 20.93
C SER A 231 -5.72 4.93 20.07
N ASN A 232 -6.20 5.66 19.09
CA ASN A 232 -5.36 6.45 18.19
C ASN A 232 -4.45 7.42 18.97
N GLN A 233 -5.00 8.04 20.02
CA GLN A 233 -4.33 8.94 20.94
C GLN A 233 -3.29 8.19 21.77
N ASP A 234 -3.61 6.93 22.18
CA ASP A 234 -2.72 6.09 22.98
C ASP A 234 -1.51 5.68 22.17
N VAL A 235 -1.68 5.51 20.83
CA VAL A 235 -0.62 5.14 19.87
C VAL A 235 0.43 6.26 19.81
N ILE A 236 -0.02 7.50 19.57
CA ILE A 236 0.83 8.71 19.49
C ILE A 236 1.62 8.83 20.80
N ASN A 237 0.93 8.67 21.94
CA ASN A 237 1.53 8.80 23.27
C ASN A 237 2.54 7.71 23.55
N ALA A 238 2.21 6.45 23.20
CA ALA A 238 3.08 5.28 23.41
C ALA A 238 4.35 5.40 22.61
N VAL A 239 4.23 5.79 21.31
CA VAL A 239 5.33 6.02 20.37
C VAL A 239 6.31 7.07 20.90
N GLU A 240 5.79 8.18 21.49
CA GLU A 240 6.55 9.29 22.08
C GLU A 240 7.34 8.82 23.32
N GLN A 241 6.79 7.84 24.06
CA GLN A 241 7.38 7.24 25.26
C GLN A 241 8.27 5.99 24.89
N ASP A 242 8.64 5.89 23.58
CA ASP A 242 9.53 4.88 22.97
C ASP A 242 8.98 3.46 22.91
N TYR A 243 7.64 3.29 22.91
CA TYR A 243 7.00 1.98 22.76
C TYR A 243 7.08 1.68 21.27
N ARG A 244 7.30 0.41 20.95
CA ARG A 244 7.35 -0.09 19.59
C ARG A 244 6.63 -1.43 19.58
N LEU A 245 5.92 -1.74 18.48
CA LEU A 245 5.20 -3.00 18.32
C LEU A 245 6.08 -4.22 18.53
N PRO A 246 5.61 -5.25 19.27
CA PRO A 246 6.46 -6.45 19.49
C PRO A 246 6.61 -7.34 18.25
N PRO A 247 7.51 -8.34 18.24
CA PRO A 247 7.58 -9.22 17.07
C PRO A 247 6.34 -10.11 16.97
N PRO A 248 5.71 -10.21 15.78
CA PRO A 248 4.59 -11.14 15.62
C PRO A 248 5.05 -12.59 15.85
N MET A 249 4.09 -13.45 16.16
CA MET A 249 4.30 -14.87 16.46
C MET A 249 5.11 -15.55 15.36
N ASP A 250 6.24 -16.20 15.77
CA ASP A 250 7.22 -16.93 14.95
C ASP A 250 7.93 -16.06 13.88
N CYS A 251 7.98 -14.73 14.08
CA CYS A 251 8.66 -13.78 13.18
C CYS A 251 10.15 -13.86 13.39
N PRO A 252 10.92 -13.99 12.30
CA PRO A 252 12.39 -13.99 12.44
C PRO A 252 12.90 -12.69 13.05
N THR A 253 13.85 -12.81 13.98
CA THR A 253 14.48 -11.70 14.70
C THR A 253 15.02 -10.65 13.72
N ALA A 254 15.71 -11.08 12.63
CA ALA A 254 16.25 -10.13 11.62
C ALA A 254 15.18 -9.16 11.04
N LEU A 255 13.98 -9.69 10.77
CA LEU A 255 12.87 -8.90 10.24
C LEU A 255 12.34 -7.88 11.25
N HIS A 256 12.25 -8.30 12.51
CA HIS A 256 11.82 -7.40 13.56
C HIS A 256 12.86 -6.30 13.76
N GLN A 257 14.13 -6.68 13.69
CA GLN A 257 15.22 -5.72 13.83
C GLN A 257 15.10 -4.72 12.69
N LEU A 258 14.79 -5.20 11.48
CA LEU A 258 14.57 -4.28 10.36
C LEU A 258 13.39 -3.27 10.65
N MET A 259 12.24 -3.76 11.21
CA MET A 259 11.08 -2.94 11.58
C MET A 259 11.52 -1.89 12.58
N LEU A 260 12.38 -2.29 13.54
CA LEU A 260 12.91 -1.36 14.53
C LEU A 260 13.79 -0.29 13.91
N ASP A 261 14.56 -0.62 12.84
CA ASP A 261 15.34 0.40 12.13
C ASP A 261 14.37 1.42 11.49
N CYS A 262 13.29 0.94 10.83
CA CYS A 262 12.26 1.78 10.19
C CYS A 262 11.57 2.73 11.19
N TRP A 263 11.44 2.31 12.49
CA TRP A 263 10.74 3.06 13.53
C TRP A 263 11.65 3.86 14.47
N VAL A 264 12.88 4.20 14.05
CA VAL A 264 13.73 5.06 14.90
C VAL A 264 13.09 6.47 14.91
N ARG A 265 13.06 7.14 16.09
CA ARG A 265 12.53 8.47 16.24
C ARG A 265 13.34 9.43 15.34
N ASP A 266 14.69 9.33 15.37
CA ASP A 266 15.55 10.15 14.52
C ASP A 266 15.36 9.65 13.07
N ARG A 267 14.64 10.44 12.25
CA ARG A 267 14.33 10.08 10.86
C ARG A 267 15.56 9.96 9.96
N ASN A 268 16.70 10.56 10.35
CA ASN A 268 17.96 10.56 9.58
C ASN A 268 18.75 9.24 9.68
N LEU A 269 18.40 8.41 10.68
CA LEU A 269 19.00 7.11 10.97
C LEU A 269 18.21 5.92 10.38
N ARG A 270 16.94 6.14 9.97
CA ARG A 270 16.11 5.10 9.35
C ARG A 270 16.77 4.66 8.02
N PRO A 271 16.67 3.37 7.61
CA PRO A 271 17.26 2.97 6.32
C PRO A 271 16.53 3.63 5.14
N LYS A 272 17.17 3.65 3.97
CA LYS A 272 16.58 4.16 2.74
C LYS A 272 15.95 2.94 2.13
N PHE A 273 15.04 3.11 1.17
CA PHE A 273 14.40 1.96 0.55
C PHE A 273 15.43 1.06 -0.18
N SER A 274 16.50 1.65 -0.75
CA SER A 274 17.57 0.86 -1.39
C SER A 274 18.29 -0.02 -0.35
N GLN A 275 18.49 0.48 0.90
CA GLN A 275 19.07 -0.29 2.00
C GLN A 275 18.13 -1.40 2.45
N ILE A 276 16.79 -1.14 2.49
CA ILE A 276 15.78 -2.14 2.85
C ILE A 276 15.85 -3.34 1.84
N VAL A 277 15.83 -3.03 0.53
CA VAL A 277 15.93 -4.03 -0.56
C VAL A 277 17.18 -4.91 -0.36
N ASN A 278 18.36 -4.27 -0.14
CA ASN A 278 19.66 -4.93 0.08
C ASN A 278 19.67 -5.89 1.28
N THR A 279 19.02 -5.50 2.41
CA THR A 279 18.91 -6.34 3.62
C THR A 279 17.99 -7.54 3.33
N LEU A 280 16.91 -7.32 2.56
CA LEU A 280 15.96 -8.39 2.22
C LEU A 280 16.57 -9.39 1.26
N ASP A 281 17.38 -8.89 0.30
CA ASP A 281 18.12 -9.71 -0.66
C ASP A 281 19.19 -10.53 0.06
N LYS A 282 19.76 -9.96 1.13
CA LYS A 282 20.81 -10.59 1.95
C LYS A 282 20.22 -11.75 2.73
N LEU A 283 19.02 -11.55 3.30
CA LEU A 283 18.27 -12.57 4.06
C LEU A 283 17.82 -13.70 3.11
N ILE A 284 17.40 -13.35 1.87
CA ILE A 284 17.02 -14.32 0.83
C ILE A 284 18.26 -15.15 0.44
N ARG A 285 19.46 -14.51 0.29
CA ARG A 285 20.73 -15.19 -0.05
C ARG A 285 21.19 -16.14 1.04
N ASN A 286 20.91 -15.83 2.32
CA ASN A 286 21.28 -16.68 3.46
C ASN A 286 19.97 -17.05 4.20
N PRO A 287 19.12 -17.98 3.66
CA PRO A 287 17.82 -18.28 4.32
C PRO A 287 17.87 -18.85 5.75
N ALA A 288 19.02 -19.45 6.12
CA ALA A 288 19.27 -20.00 7.46
C ALA A 288 19.22 -18.88 8.55
N SER A 289 19.51 -17.62 8.17
CA SER A 289 19.48 -16.49 9.09
C SER A 289 18.07 -16.20 9.59
N LEU A 290 17.05 -16.52 8.76
CA LEU A 290 15.63 -16.37 9.02
C LEU A 290 15.03 -17.45 9.99
N LYS A 291 15.87 -18.36 10.51
CA LYS A 291 15.46 -19.39 11.47
C LYS A 291 15.44 -18.81 12.89
N VAL A 292 16.39 -17.88 13.20
CA VAL A 292 16.50 -17.21 14.50
C VAL A 292 15.24 -16.37 14.80
N ILE A 293 14.47 -16.80 15.82
CA ILE A 293 13.19 -16.21 16.25
C ILE A 293 13.28 -15.64 17.68
C1 6P8 B . -7.98 1.84 -10.36
C2 6P8 B . -8.32 0.67 -9.69
C3 6P8 B . -7.59 0.26 -8.58
C7 6P8 B . -8.45 -3.29 -7.65
C8 6P8 B . -9.35 -3.17 -6.56
C9 6P8 B . -9.93 -4.27 -6.01
C10 6P8 B . -9.71 -5.55 -6.53
C11 6P8 B . -8.80 -5.70 -7.56
C12 6P8 B . -8.17 -4.58 -8.16
C13 6P8 B . -6.76 -3.71 -9.70
C14 6P8 B . -11.16 -6.93 -5.01
C15 6P8 B . -11.34 -8.37 -4.58
C16 6P8 B . -6.94 2.62 -9.91
O1 6P8 B . -11.85 -6.04 -4.53
N3 6P8 B . -10.21 -6.74 -5.98
N1 6P8 B . -7.32 -4.80 -9.20
N2 6P8 B . -6.93 -2.43 -9.34
C6 6P8 B . -7.76 -2.21 -8.32
N4 6P8 B . -7.94 -0.91 -7.90
C4 6P8 B . -6.53 1.05 -8.14
C5 6P8 B . -6.20 2.21 -8.81
C1 DIO C . 0.09 6.35 -7.19
C2 DIO C . 0.73 4.19 -7.86
C1' DIO C . 1.10 6.29 -6.08
C2' DIO C . 1.75 4.15 -6.75
O1 DIO C . 0.49 5.53 -8.30
O1' DIO C . 1.32 4.95 -5.65
#